data_2P1E
#
_entry.id   2P1E
#
_cell.length_a   67.172
_cell.length_b   89.121
_cell.length_c   85.980
_cell.angle_alpha   90.00
_cell.angle_beta   90.00
_cell.angle_gamma   90.00
#
_symmetry.space_group_name_H-M   'C 2 2 21'
#
loop_
_entity.id
_entity.type
_entity.pdbx_description
1 polymer 'Glyoxalase II'
2 non-polymer 'ZINC ION'
3 non-polymer SPERMIDINE
4 non-polymer 'LACTIC ACID'
5 water water
#
_entity_poly.entity_id   1
_entity_poly.type   'polypeptide(L)'
_entity_poly.pdbx_seq_one_letter_code
;HHHHHHSSGLVPRGSHMRNYCTKTFGSAFSVTVVPTLKDNFSYLINDHTTHTLAAVDVNADYKPILTYIEEHLKQQGNAD
VTYTFSTILSTHKHWDHSGGNAKLKAELEAMNSTVPVVVVGGANDSIPAVTKPVREGDRVQVGDLSVEVIDAPCHTRGHV
LYKVQHPQHPNDGVALFTGDTMFIAGIGAFFEGDEKDMCRAMEKVYHIHKGNDYALDKVTFIFPGHEYTSGFMTFSEKTF
PDRASDDLAFIQAQRAKYAAAVKTGDPSVPSSLAEEKRQNLFLRVADPAFVAKMNQGNAHALMMYLYNACD
;
_entity_poly.pdbx_strand_id   A
#
# COMPACT_ATOMS: atom_id res chain seq x y z
N MET A 17 10.43 -17.60 9.11
CA MET A 17 9.10 -18.30 9.08
C MET A 17 7.98 -17.45 8.46
N ARG A 18 8.35 -16.39 7.73
CA ARG A 18 7.35 -15.52 7.10
C ARG A 18 6.90 -16.07 5.74
N ASN A 19 5.60 -16.31 5.59
CA ASN A 19 5.06 -16.96 4.39
C ASN A 19 4.67 -15.93 3.33
N TYR A 20 4.63 -16.33 2.06
CA TYR A 20 3.94 -15.45 1.11
C TYR A 20 2.43 -15.70 1.15
N CYS A 21 1.65 -14.77 0.61
CA CYS A 21 0.24 -15.11 0.27
C CYS A 21 -0.13 -14.39 -1.02
N THR A 22 -1.21 -14.82 -1.67
CA THR A 22 -1.61 -14.27 -2.96
C THR A 22 -3.06 -13.80 -2.95
N LYS A 23 -3.27 -12.54 -3.28
CA LYS A 23 -4.61 -11.94 -3.38
C LYS A 23 -5.01 -11.90 -4.86
N THR A 24 -6.16 -12.51 -5.19
CA THR A 24 -6.63 -12.50 -6.59
C THR A 24 -7.82 -11.58 -6.87
N PHE A 25 -7.77 -10.92 -8.02
CA PHE A 25 -8.80 -9.98 -8.42
C PHE A 25 -9.61 -10.54 -9.60
N GLY A 26 -10.69 -11.26 -9.29
CA GLY A 26 -11.46 -12.02 -10.30
C GLY A 26 -10.54 -12.96 -11.08
N SER A 27 -10.69 -13.00 -12.40
CA SER A 27 -9.69 -13.75 -13.19
C SER A 27 -8.63 -12.81 -13.82
N ALA A 28 -8.69 -11.52 -13.47
CA ALA A 28 -7.91 -10.49 -14.18
C ALA A 28 -6.44 -10.41 -13.76
N PHE A 29 -6.22 -10.33 -12.46
CA PHE A 29 -4.86 -10.27 -11.95
C PHE A 29 -4.74 -10.76 -10.51
N SER A 30 -3.50 -10.95 -10.07
CA SER A 30 -3.18 -11.36 -8.70
C SER A 30 -2.07 -10.49 -8.16
N VAL A 31 -2.03 -10.35 -6.83
CA VAL A 31 -0.89 -9.66 -6.15
C VAL A 31 -0.33 -10.61 -5.09
N THR A 32 0.95 -10.96 -5.24
CA THR A 32 1.61 -11.84 -4.28
C THR A 32 2.40 -11.02 -3.26
N VAL A 33 2.12 -11.28 -2.00
CA VAL A 33 2.78 -10.57 -0.88
C VAL A 33 4.07 -11.34 -0.56
N VAL A 34 5.22 -10.69 -0.79
CA VAL A 34 6.53 -11.35 -0.60
C VAL A 34 7.23 -10.72 0.61
N PRO A 35 7.33 -11.45 1.72
CA PRO A 35 8.06 -10.99 2.90
C PRO A 35 9.55 -10.83 2.59
N THR A 36 10.07 -9.62 2.81
CA THR A 36 11.52 -9.38 2.56
C THR A 36 12.19 -8.70 3.77
N LEU A 37 13.53 -8.75 3.85
CA LEU A 37 14.28 -8.20 5.01
C LEU A 37 13.72 -8.71 6.36
N LYS A 38 13.53 -7.83 7.36
CA LYS A 38 13.01 -8.26 8.66
C LYS A 38 11.49 -8.17 8.71
N ASP A 39 10.97 -7.04 8.23
CA ASP A 39 9.53 -6.81 8.25
C ASP A 39 8.99 -6.10 7.00
N ASN A 40 9.76 -6.08 5.93
CA ASN A 40 9.31 -5.42 4.69
C ASN A 40 8.37 -6.34 3.92
N PHE A 41 7.53 -5.73 3.09
CA PHE A 41 6.84 -6.46 2.04
C PHE A 41 7.28 -5.89 0.71
N SER A 42 7.69 -6.78 -0.18
CA SER A 42 7.73 -6.48 -1.62
C SER A 42 6.53 -7.21 -2.23
N TYR A 43 6.19 -6.85 -3.46
CA TYR A 43 5.04 -7.49 -4.13
C TYR A 43 5.29 -7.88 -5.56
N LEU A 44 4.63 -8.96 -5.96
CA LEU A 44 4.59 -9.34 -7.35
C LEU A 44 3.18 -9.23 -7.92
N ILE A 45 3.04 -8.36 -8.91
CA ILE A 45 1.79 -8.24 -9.64
C ILE A 45 1.82 -9.21 -10.81
N ASN A 46 0.76 -10.00 -10.98
CA ASN A 46 0.65 -10.91 -12.11
C ASN A 46 -0.62 -10.62 -12.93
N ASP A 47 -0.46 -10.05 -14.12
CA ASP A 47 -1.58 -9.85 -15.05
C ASP A 47 -1.86 -11.16 -15.79
N HIS A 48 -2.95 -11.83 -15.42
CA HIS A 48 -3.29 -13.13 -16.02
C HIS A 48 -3.70 -13.05 -17.49
N THR A 49 -4.10 -11.87 -17.95
CA THR A 49 -4.63 -11.76 -19.31
C THR A 49 -3.50 -11.77 -20.34
N THR A 50 -2.30 -11.35 -19.93
CA THR A 50 -1.13 -11.28 -20.82
C THR A 50 0.12 -11.98 -20.28
N HIS A 51 0.01 -12.58 -19.10
CA HIS A 51 1.14 -13.16 -18.37
C HIS A 51 2.33 -12.20 -18.16
N THR A 52 2.02 -10.97 -17.75
CA THR A 52 3.03 -9.95 -17.51
C THR A 52 3.20 -9.80 -16.00
N LEU A 53 4.46 -9.71 -15.56
CA LEU A 53 4.76 -9.58 -14.13
C LEU A 53 5.44 -8.24 -13.85
N ALA A 54 5.14 -7.68 -12.68
CA ALA A 54 5.80 -6.48 -12.18
C ALA A 54 6.08 -6.67 -10.67
N ALA A 55 7.19 -6.13 -10.21
CA ALA A 55 7.52 -6.14 -8.79
C ALA A 55 7.34 -4.75 -8.18
N VAL A 56 6.91 -4.70 -6.92
CA VAL A 56 6.83 -3.44 -6.18
C VAL A 56 7.79 -3.47 -4.98
N ASP A 57 8.54 -2.37 -4.80
CA ASP A 57 9.42 -2.18 -3.62
C ASP A 57 10.45 -3.28 -3.42
N VAL A 58 11.29 -3.41 -4.44
CA VAL A 58 12.38 -4.37 -4.46
C VAL A 58 13.57 -3.81 -3.68
N ASN A 59 13.97 -4.53 -2.65
CA ASN A 59 15.16 -4.13 -1.86
C ASN A 59 16.32 -5.10 -2.08
N ALA A 60 17.35 -5.04 -1.24
CA ALA A 60 18.53 -5.92 -1.34
C ALA A 60 18.15 -7.40 -1.26
N ASP A 61 17.12 -7.71 -0.49
CA ASP A 61 16.65 -9.08 -0.27
C ASP A 61 15.59 -9.38 -1.34
N TYR A 62 15.99 -9.45 -2.60
CA TYR A 62 15.01 -9.63 -3.68
C TYR A 62 14.82 -11.08 -4.12
N LYS A 63 15.71 -11.97 -3.71
CA LYS A 63 15.64 -13.34 -4.17
C LYS A 63 14.34 -14.06 -3.84
N PRO A 64 13.69 -13.76 -2.68
CA PRO A 64 12.38 -14.37 -2.42
C PRO A 64 11.34 -14.17 -3.53
N ILE A 65 11.43 -13.05 -4.25
CA ILE A 65 10.58 -12.79 -5.42
C ILE A 65 10.85 -13.87 -6.47
N LEU A 66 12.13 -14.09 -6.77
CA LEU A 66 12.50 -15.12 -7.76
C LEU A 66 12.13 -16.54 -7.33
N THR A 67 12.32 -16.84 -6.04
CA THR A 67 11.98 -18.18 -5.51
C THR A 67 10.48 -18.44 -5.72
N TYR A 68 9.65 -17.42 -5.46
CA TYR A 68 8.20 -17.54 -5.70
C TYR A 68 7.88 -17.88 -7.16
N ILE A 69 8.61 -17.25 -8.09
CA ILE A 69 8.36 -17.42 -9.52
C ILE A 69 8.90 -18.61 -10.37
N GLU A 70 10.12 -19.14 -10.23
CA GLU A 70 10.52 -20.40 -9.49
C GLU A 70 9.47 -21.42 -9.04
N GLU A 71 9.23 -21.52 -7.73
CA GLU A 71 8.39 -22.58 -7.16
C GLU A 71 6.95 -22.56 -7.63
N HIS A 72 6.28 -21.43 -7.48
CA HIS A 72 4.83 -21.39 -7.70
C HIS A 72 4.41 -21.22 -9.16
N LEU A 73 5.16 -20.44 -9.93
CA LEU A 73 4.88 -20.31 -11.34
C LEU A 73 5.97 -21.07 -12.12
N THR A 82 5.37 -19.29 -19.53
CA THR A 82 5.74 -18.23 -20.46
C THR A 82 5.40 -16.78 -19.98
N TYR A 83 6.38 -16.13 -19.34
CA TYR A 83 6.13 -14.85 -18.66
C TYR A 83 7.08 -13.73 -19.08
N THR A 84 6.51 -12.54 -19.24
CA THR A 84 7.30 -11.32 -19.35
C THR A 84 7.33 -10.63 -17.94
N PHE A 85 8.52 -10.33 -17.42
CA PHE A 85 8.65 -9.65 -16.14
C PHE A 85 9.17 -8.26 -16.51
N SER A 86 8.24 -7.33 -16.77
CA SER A 86 8.61 -6.08 -17.47
C SER A 86 8.88 -4.82 -16.63
N THR A 87 8.38 -4.76 -15.40
CA THR A 87 8.35 -3.51 -14.62
C THR A 87 8.72 -3.72 -13.16
N ILE A 88 9.46 -2.76 -12.64
CA ILE A 88 9.64 -2.60 -11.21
C ILE A 88 9.07 -1.24 -10.84
N LEU A 89 8.25 -1.18 -9.78
CA LEU A 89 7.79 0.14 -9.26
C LEU A 89 8.21 0.39 -7.84
N SER A 90 8.70 1.59 -7.57
CA SER A 90 9.21 1.94 -6.24
C SER A 90 8.31 3.00 -5.65
N THR A 91 7.76 2.72 -4.47
CA THR A 91 6.87 3.72 -3.84
C THR A 91 7.65 4.94 -3.37
N HIS A 92 8.89 4.73 -2.94
CA HIS A 92 9.77 5.83 -2.51
C HIS A 92 11.24 5.42 -2.48
N LYS A 93 12.13 6.40 -2.22
CA LYS A 93 13.56 6.21 -2.43
C LYS A 93 14.30 5.35 -1.40
N HIS A 94 13.70 5.14 -0.22
CA HIS A 94 14.42 4.58 0.90
C HIS A 94 14.97 3.22 0.51
N TRP A 95 16.16 2.92 1.03
CA TRP A 95 16.92 1.73 0.56
C TRP A 95 16.17 0.41 0.71
N ASP A 96 15.39 0.28 1.78
CA ASP A 96 14.60 -0.94 1.99
C ASP A 96 13.41 -1.05 1.03
N HIS A 97 13.28 -0.08 0.12
CA HIS A 97 12.24 -0.13 -0.90
C HIS A 97 12.81 -0.07 -2.33
N SER A 98 14.06 0.36 -2.47
CA SER A 98 14.62 0.57 -3.79
C SER A 98 15.99 -0.09 -3.98
N GLY A 99 16.54 -0.64 -2.89
CA GLY A 99 17.91 -1.18 -2.91
C GLY A 99 18.17 -2.39 -3.78
N GLY A 100 17.13 -2.88 -4.44
CA GLY A 100 17.29 -4.02 -5.33
C GLY A 100 16.93 -3.74 -6.76
N ASN A 101 16.49 -2.52 -7.04
CA ASN A 101 16.12 -2.10 -8.41
C ASN A 101 17.16 -2.43 -9.48
N ALA A 102 18.36 -1.90 -9.30
CA ALA A 102 19.46 -2.14 -10.22
C ALA A 102 19.85 -3.61 -10.34
N LYS A 103 20.00 -4.30 -9.20
CA LYS A 103 20.41 -5.70 -9.21
C LYS A 103 19.33 -6.58 -9.83
N LEU A 104 18.07 -6.39 -9.45
CA LEU A 104 16.97 -7.15 -10.05
C LEU A 104 16.83 -6.87 -11.56
N LYS A 105 16.89 -5.59 -11.95
CA LYS A 105 16.85 -5.22 -13.37
C LYS A 105 17.96 -5.88 -14.18
N ALA A 106 19.19 -5.87 -13.66
CA ALA A 106 20.34 -6.48 -14.33
C ALA A 106 20.03 -7.88 -14.83
N GLU A 107 19.15 -8.59 -14.15
CA GLU A 107 18.79 -9.95 -14.57
C GLU A 107 17.48 -10.00 -15.42
N LEU A 108 17.56 -10.24 -16.74
CA LEU A 108 18.77 -10.15 -17.55
C LEU A 108 18.72 -8.85 -18.35
N VAL A 115 12.45 -8.48 -21.85
CA VAL A 115 12.74 -7.10 -21.40
C VAL A 115 12.43 -6.16 -22.59
N PRO A 116 12.71 -4.83 -22.48
CA PRO A 116 13.40 -4.02 -21.46
C PRO A 116 12.60 -3.81 -20.18
N VAL A 117 13.33 -3.75 -19.06
CA VAL A 117 12.73 -3.55 -17.75
C VAL A 117 12.57 -2.06 -17.45
N VAL A 118 11.32 -1.67 -17.25
CA VAL A 118 11.00 -0.32 -16.94
C VAL A 118 11.00 -0.19 -15.41
N VAL A 119 11.72 0.82 -14.91
CA VAL A 119 11.72 1.11 -13.48
C VAL A 119 10.95 2.42 -13.24
N VAL A 120 9.87 2.32 -12.48
CA VAL A 120 8.96 3.46 -12.24
C VAL A 120 9.21 3.99 -10.79
N GLY A 121 9.23 5.31 -10.64
CA GLY A 121 9.41 5.91 -9.32
C GLY A 121 8.96 7.35 -9.38
N GLY A 122 8.60 7.93 -8.23
CA GLY A 122 8.14 9.32 -8.19
C GLY A 122 9.26 10.24 -8.66
N ALA A 123 8.93 11.17 -9.56
CA ALA A 123 9.89 12.09 -10.16
C ALA A 123 10.74 12.80 -9.09
N ASN A 124 10.16 13.18 -7.97
CA ASN A 124 10.86 14.02 -6.99
C ASN A 124 11.62 13.24 -5.90
N ASP A 125 11.66 11.92 -5.99
CA ASP A 125 12.45 11.11 -5.07
C ASP A 125 13.78 10.64 -5.63
N SER A 126 14.06 10.92 -6.92
CA SER A 126 15.34 10.50 -7.55
C SER A 126 15.63 9.03 -7.23
N ILE A 127 14.68 8.17 -7.57
CA ILE A 127 14.78 6.75 -7.22
C ILE A 127 15.89 6.04 -8.00
N PRO A 128 16.75 5.27 -7.30
CA PRO A 128 17.76 4.48 -7.95
C PRO A 128 17.22 3.67 -9.14
N ALA A 129 17.87 3.85 -10.29
CA ALA A 129 17.64 3.10 -11.54
C ALA A 129 16.34 3.43 -12.29
N VAL A 130 15.59 4.45 -11.81
CA VAL A 130 14.33 4.90 -12.49
C VAL A 130 14.52 5.21 -13.99
N THR A 131 13.60 4.68 -14.80
CA THR A 131 13.55 5.01 -16.22
C THR A 131 12.24 5.69 -16.57
N LYS A 132 11.25 5.59 -15.67
N LYS A 132 11.25 5.58 -15.68
CA LYS A 132 9.95 6.23 -15.84
CA LYS A 132 9.98 6.29 -15.83
C LYS A 132 9.61 7.10 -14.60
C LYS A 132 9.66 7.09 -14.58
N PRO A 133 10.11 8.36 -14.54
CA PRO A 133 9.70 9.19 -13.40
C PRO A 133 8.22 9.51 -13.54
N VAL A 134 7.48 9.51 -12.43
CA VAL A 134 6.04 9.74 -12.46
C VAL A 134 5.55 10.81 -11.48
N ARG A 135 4.41 11.40 -11.83
CA ARG A 135 3.79 12.43 -10.99
CA ARG A 135 3.78 12.48 -11.06
C ARG A 135 2.29 12.19 -11.01
N GLU A 136 1.58 12.88 -10.12
CA GLU A 136 0.17 12.66 -9.91
C GLU A 136 -0.58 12.60 -11.24
N GLY A 137 -1.41 11.59 -11.42
CA GLY A 137 -2.25 11.48 -12.64
C GLY A 137 -1.63 10.66 -13.76
N ASP A 138 -0.32 10.41 -13.68
CA ASP A 138 0.36 9.59 -14.70
C ASP A 138 -0.18 8.18 -14.60
N ARG A 139 -0.25 7.49 -15.75
CA ARG A 139 -0.50 6.05 -15.73
C ARG A 139 0.59 5.31 -16.52
N VAL A 140 0.88 4.08 -16.11
CA VAL A 140 1.75 3.19 -16.90
C VAL A 140 0.97 1.89 -16.99
N GLN A 141 1.26 1.11 -18.04
CA GLN A 141 0.65 -0.20 -18.23
C GLN A 141 1.56 -1.30 -17.74
N VAL A 142 0.99 -2.26 -17.04
CA VAL A 142 1.63 -3.54 -16.77
C VAL A 142 0.79 -4.61 -17.49
N GLY A 143 1.23 -5.01 -18.67
CA GLY A 143 0.39 -5.82 -19.52
C GLY A 143 -0.84 -5.01 -19.93
N ASP A 144 -2.02 -5.56 -19.64
CA ASP A 144 -3.29 -4.83 -19.85
C ASP A 144 -3.77 -4.10 -18.62
N LEU A 145 -3.03 -4.24 -17.50
CA LEU A 145 -3.38 -3.53 -16.25
C LEU A 145 -2.98 -2.06 -16.28
N SER A 146 -3.82 -1.21 -15.71
CA SER A 146 -3.43 0.18 -15.55
C SER A 146 -2.84 0.42 -14.15
N VAL A 147 -1.77 1.20 -14.12
CA VAL A 147 -1.18 1.64 -12.85
C VAL A 147 -1.27 3.17 -12.79
N GLU A 148 -2.14 3.66 -11.92
CA GLU A 148 -2.33 5.10 -11.74
C GLU A 148 -1.50 5.57 -10.54
N VAL A 149 -0.95 6.77 -10.67
CA VAL A 149 0.01 7.31 -9.71
C VAL A 149 -0.65 8.38 -8.89
N ILE A 150 -0.48 8.31 -7.57
CA ILE A 150 -1.04 9.33 -6.66
C ILE A 150 0.14 9.93 -5.91
N ASP A 151 0.28 11.27 -5.96
CA ASP A 151 1.37 11.92 -5.20
C ASP A 151 1.02 11.89 -3.73
N ALA A 152 1.98 11.45 -2.90
CA ALA A 152 1.78 11.47 -1.44
C ALA A 152 3.02 11.90 -0.69
N PRO A 153 3.52 13.13 -0.95
CA PRO A 153 4.74 13.55 -0.24
C PRO A 153 4.42 13.61 1.26
N CYS A 154 5.34 13.09 2.07
CA CYS A 154 5.35 13.28 3.52
C CYS A 154 6.53 12.47 4.05
N HIS A 155 6.39 11.14 4.03
CA HIS A 155 7.42 10.25 4.51
C HIS A 155 8.72 10.51 3.70
N THR A 156 8.58 10.64 2.38
CA THR A 156 9.64 11.29 1.57
C THR A 156 8.96 12.33 0.73
N ARG A 157 9.72 13.34 0.30
CA ARG A 157 9.23 14.44 -0.54
C ARG A 157 8.65 13.93 -1.87
N GLY A 158 9.09 12.74 -2.30
CA GLY A 158 8.66 12.19 -3.59
C GLY A 158 7.87 10.89 -3.56
N HIS A 159 7.42 10.48 -2.40
CA HIS A 159 6.61 9.24 -2.23
C HIS A 159 5.35 9.32 -3.11
N VAL A 160 5.04 8.21 -3.76
CA VAL A 160 3.81 8.04 -4.48
C VAL A 160 3.08 6.78 -3.99
N LEU A 161 1.81 6.66 -4.39
CA LEU A 161 1.05 5.42 -4.21
C LEU A 161 0.71 4.91 -5.59
N TYR A 162 0.62 3.58 -5.75
CA TYR A 162 0.25 3.00 -7.06
C TYR A 162 -1.09 2.31 -6.93
N LYS A 163 -2.03 2.76 -7.79
CA LYS A 163 -3.40 2.24 -7.80
C LYS A 163 -3.53 1.37 -9.04
N VAL A 164 -3.66 0.06 -8.84
CA VAL A 164 -3.59 -0.91 -9.96
C VAL A 164 -4.93 -1.56 -10.20
N GLN A 165 -5.37 -1.58 -11.46
CA GLN A 165 -6.56 -2.32 -11.83
C GLN A 165 -6.59 -2.70 -13.31
N HIS A 166 -7.58 -3.49 -13.69
CA HIS A 166 -7.83 -3.82 -15.09
C HIS A 166 -8.96 -2.94 -15.64
N PRO A 167 -8.62 -2.02 -16.56
CA PRO A 167 -9.60 -1.11 -17.22
C PRO A 167 -10.81 -1.83 -17.80
N GLN A 168 -10.60 -3.06 -18.27
CA GLN A 168 -11.68 -3.84 -18.85
C GLN A 168 -12.40 -4.72 -17.82
N HIS A 169 -11.96 -4.63 -16.56
CA HIS A 169 -12.56 -5.42 -15.47
C HIS A 169 -12.59 -4.63 -14.15
N PRO A 170 -13.09 -3.38 -14.20
CA PRO A 170 -12.97 -2.46 -13.08
C PRO A 170 -13.56 -3.05 -11.80
N ASN A 171 -14.67 -3.79 -11.92
CA ASN A 171 -15.34 -4.37 -10.75
C ASN A 171 -14.61 -5.54 -10.08
N ASP A 172 -13.55 -6.07 -10.69
CA ASP A 172 -12.73 -7.12 -10.04
C ASP A 172 -11.86 -6.53 -8.94
N GLY A 173 -11.75 -5.20 -8.90
CA GLY A 173 -11.10 -4.53 -7.78
C GLY A 173 -9.83 -3.80 -8.14
N VAL A 174 -9.16 -3.31 -7.09
CA VAL A 174 -8.06 -2.40 -7.18
C VAL A 174 -7.00 -2.80 -6.15
N ALA A 175 -5.74 -2.85 -6.55
CA ALA A 175 -4.64 -3.00 -5.61
C ALA A 175 -4.05 -1.62 -5.37
N LEU A 176 -4.00 -1.19 -4.13
CA LEU A 176 -3.35 0.06 -3.80
C LEU A 176 -2.07 -0.18 -3.00
N PHE A 177 -0.94 0.18 -3.62
CA PHE A 177 0.37 0.05 -2.98
C PHE A 177 0.75 1.36 -2.30
N THR A 178 0.87 1.31 -0.97
CA THR A 178 0.96 2.54 -0.15
C THR A 178 2.36 2.79 0.45
N GLY A 179 3.28 1.85 0.25
CA GLY A 179 4.67 2.03 0.74
C GLY A 179 4.66 2.38 2.21
N ASP A 180 5.40 3.43 2.58
CA ASP A 180 5.48 3.83 3.98
C ASP A 180 4.57 5.03 4.25
N THR A 181 3.53 5.28 3.41
CA THR A 181 2.61 6.36 3.72
C THR A 181 1.50 5.89 4.65
N MET A 182 0.93 4.73 4.30
CA MET A 182 -0.15 4.15 5.08
C MET A 182 0.16 2.69 5.32
N PHE A 183 -0.12 2.23 6.55
CA PHE A 183 -0.01 0.80 6.89
C PHE A 183 -1.41 0.37 7.30
N ILE A 184 -1.59 -0.91 7.63
CA ILE A 184 -2.86 -1.26 8.22
C ILE A 184 -2.99 -0.57 9.58
N ALA A 185 -4.04 0.25 9.72
CA ALA A 185 -4.29 1.06 10.90
C ALA A 185 -3.20 2.11 11.22
N GLY A 186 -2.33 2.42 10.25
CA GLY A 186 -1.22 3.26 10.58
C GLY A 186 -0.74 4.16 9.46
N ILE A 187 0.29 4.95 9.79
CA ILE A 187 0.94 5.86 8.84
C ILE A 187 2.44 5.83 9.07
N GLY A 188 3.18 6.29 8.06
CA GLY A 188 4.64 6.35 8.22
C GLY A 188 5.08 7.62 8.94
N ALA A 189 6.32 7.59 9.43
CA ALA A 189 6.94 8.79 10.01
C ALA A 189 7.14 9.89 8.96
N PHE A 190 7.03 11.14 9.40
CA PHE A 190 7.00 12.27 8.48
C PHE A 190 8.43 12.76 8.25
N PHE A 191 9.31 11.89 7.75
CA PHE A 191 10.74 12.25 7.63
C PHE A 191 10.99 13.51 6.82
N GLU A 192 10.20 13.68 5.76
CA GLU A 192 10.46 14.80 4.86
C GLU A 192 9.20 15.66 4.66
N GLY A 193 8.41 15.83 5.70
CA GLY A 193 7.13 16.52 5.53
C GLY A 193 6.47 16.72 6.88
N ASP A 194 5.15 16.93 6.89
CA ASP A 194 4.48 17.29 8.13
C ASP A 194 3.03 16.79 8.14
N GLU A 195 2.28 17.17 9.18
CA GLU A 195 0.93 16.60 9.38
C GLU A 195 0.00 17.06 8.27
N LYS A 196 0.27 18.26 7.72
CA LYS A 196 -0.55 18.77 6.61
C LYS A 196 -0.42 17.86 5.43
N ASP A 197 0.83 17.43 5.13
CA ASP A 197 1.10 16.49 4.05
C ASP A 197 0.39 15.16 4.28
N MET A 198 0.44 14.60 5.50
CA MET A 198 -0.25 13.34 5.79
C MET A 198 -1.77 13.50 5.70
N CYS A 199 -2.34 14.63 6.11
CA CYS A 199 -3.79 14.84 5.99
C CYS A 199 -4.21 14.79 4.55
N ARG A 200 -3.44 15.48 3.69
CA ARG A 200 -3.69 15.47 2.25
C ARG A 200 -3.62 14.06 1.65
N ALA A 201 -2.63 13.28 2.07
CA ALA A 201 -2.52 11.89 1.65
C ALA A 201 -3.71 11.05 2.06
N MET A 202 -4.17 11.23 3.30
CA MET A 202 -5.33 10.52 3.82
C MET A 202 -6.60 10.93 3.10
N GLU A 203 -6.76 12.22 2.82
CA GLU A 203 -7.86 12.72 2.00
C GLU A 203 -7.92 12.06 0.60
N LYS A 204 -6.77 11.99 -0.07
CA LYS A 204 -6.70 11.33 -1.38
C LYS A 204 -7.11 9.86 -1.30
N VAL A 205 -6.55 9.11 -0.34
CA VAL A 205 -6.87 7.68 -0.20
C VAL A 205 -8.36 7.51 0.13
N TYR A 206 -8.85 8.33 1.05
CA TYR A 206 -10.26 8.24 1.48
C TYR A 206 -11.22 8.38 0.29
N HIS A 207 -10.89 9.29 -0.63
CA HIS A 207 -11.82 9.68 -1.70
C HIS A 207 -11.54 9.06 -3.06
N ILE A 208 -10.65 8.09 -3.08
CA ILE A 208 -10.31 7.40 -4.34
C ILE A 208 -11.56 7.06 -5.15
N HIS A 209 -12.58 6.51 -4.46
CA HIS A 209 -13.77 5.99 -5.14
C HIS A 209 -15.01 6.87 -5.01
N LYS A 210 -14.77 8.15 -4.73
CA LYS A 210 -15.90 9.10 -4.68
C LYS A 210 -16.75 9.03 -5.97
N GLY A 211 -16.09 8.87 -7.10
CA GLY A 211 -16.73 8.86 -8.42
C GLY A 211 -17.68 7.69 -8.64
N ASN A 212 -17.54 6.64 -7.82
CA ASN A 212 -18.44 5.48 -7.88
C ASN A 212 -19.23 5.29 -6.57
N ASP A 213 -19.43 6.40 -5.87
CA ASP A 213 -20.11 6.36 -4.57
C ASP A 213 -19.55 5.28 -3.66
N TYR A 214 -18.21 5.11 -3.70
CA TYR A 214 -17.44 4.20 -2.84
C TYR A 214 -17.84 2.72 -2.97
N ALA A 215 -18.52 2.39 -4.04
CA ALA A 215 -18.85 0.97 -4.34
C ALA A 215 -17.60 0.07 -4.40
N LEU A 216 -16.50 0.59 -4.91
CA LEU A 216 -15.29 -0.21 -5.03
C LEU A 216 -14.42 -0.25 -3.79
N ASP A 217 -14.77 0.51 -2.73
CA ASP A 217 -13.98 0.43 -1.47
C ASP A 217 -13.80 -1.02 -0.96
N LYS A 218 -14.90 -1.78 -0.96
CA LYS A 218 -14.86 -3.21 -0.53
C LYS A 218 -14.00 -4.16 -1.36
N VAL A 219 -13.65 -3.76 -2.58
CA VAL A 219 -12.72 -4.54 -3.41
C VAL A 219 -11.39 -3.83 -3.73
N THR A 220 -11.02 -2.86 -2.92
CA THR A 220 -9.76 -2.15 -3.06
C THR A 220 -8.93 -2.65 -1.90
N PHE A 221 -7.77 -3.22 -2.20
CA PHE A 221 -6.95 -3.87 -1.17
C PHE A 221 -5.64 -3.10 -1.00
N ILE A 222 -5.22 -2.97 0.25
CA ILE A 222 -4.12 -2.10 0.66
C ILE A 222 -2.86 -2.95 0.89
N PHE A 223 -1.80 -2.63 0.14
CA PHE A 223 -0.52 -3.37 0.17
C PHE A 223 0.58 -2.40 0.64
N PRO A 224 0.85 -2.37 1.94
CA PRO A 224 1.77 -1.39 2.52
C PRO A 224 3.23 -1.90 2.59
N GLY A 225 4.10 -1.05 3.09
CA GLY A 225 5.54 -1.33 3.07
C GLY A 225 6.03 -2.36 4.06
N HIS A 226 5.32 -2.49 5.20
CA HIS A 226 5.84 -3.29 6.32
C HIS A 226 4.75 -4.01 7.09
N GLU A 227 5.17 -5.05 7.81
CA GLU A 227 4.31 -5.72 8.79
C GLU A 227 4.34 -4.93 10.11
N TYR A 228 3.66 -3.77 10.14
CA TYR A 228 3.54 -2.96 11.37
C TYR A 228 2.10 -3.02 11.97
N THR A 229 1.30 -3.93 11.44
CA THR A 229 -0.10 -4.03 11.75
C THR A 229 -0.36 -4.18 13.26
N SER A 230 0.39 -5.09 13.89
CA SER A 230 0.24 -5.33 15.34
C SER A 230 0.21 -4.05 16.20
N GLY A 231 1.26 -3.25 16.11
CA GLY A 231 1.40 -2.05 16.95
C GLY A 231 0.33 -1.02 16.66
N PHE A 232 0.00 -0.87 15.38
CA PHE A 232 -1.05 0.07 15.01
C PHE A 232 -2.45 -0.35 15.42
N MET A 233 -2.76 -1.65 15.37
CA MET A 233 -4.09 -2.11 15.77
C MET A 233 -4.27 -1.99 17.27
N THR A 234 -3.17 -2.21 18.00
CA THR A 234 -3.16 -2.01 19.45
C THR A 234 -3.48 -0.54 19.74
N PHE A 235 -2.84 0.36 18.98
CA PHE A 235 -3.14 1.78 19.05
C PHE A 235 -4.62 2.10 18.73
N SER A 236 -5.17 1.57 17.63
CA SER A 236 -6.59 1.81 17.27
C SER A 236 -7.55 1.34 18.37
N GLU A 237 -7.30 0.14 18.89
CA GLU A 237 -8.15 -0.41 19.96
C GLU A 237 -8.12 0.46 21.22
N LYS A 238 -6.95 1.00 21.58
CA LYS A 238 -6.79 1.84 22.76
C LYS A 238 -7.39 3.22 22.53
N THR A 239 -7.32 3.79 21.36
CA THR A 239 -7.61 5.19 21.13
C THR A 239 -9.01 5.46 20.59
N PHE A 240 -9.65 4.44 20.03
CA PHE A 240 -10.98 4.66 19.48
C PHE A 240 -11.91 5.29 20.55
N PRO A 241 -12.48 6.47 20.25
CA PRO A 241 -13.14 7.32 21.24
C PRO A 241 -14.55 6.89 21.64
N ASP A 242 -15.21 6.08 20.82
CA ASP A 242 -16.64 5.81 21.03
C ASP A 242 -16.87 4.36 21.40
N ARG A 243 -16.96 4.10 22.69
CA ARG A 243 -17.07 2.75 23.17
C ARG A 243 -18.47 2.15 22.91
N ALA A 244 -19.45 3.00 22.56
CA ALA A 244 -20.81 2.50 22.22
C ALA A 244 -20.92 1.97 20.79
N SER A 245 -20.02 2.41 19.90
CA SER A 245 -20.00 1.91 18.51
C SER A 245 -19.44 0.50 18.35
N ASP A 246 -20.00 -0.27 17.42
CA ASP A 246 -19.46 -1.58 17.06
C ASP A 246 -18.15 -1.58 16.27
N ASP A 247 -17.72 -0.39 15.83
CA ASP A 247 -16.35 -0.26 15.29
C ASP A 247 -15.28 -0.70 16.31
N LEU A 248 -15.53 -0.48 17.61
CA LEU A 248 -14.64 -1.00 18.63
C LEU A 248 -14.54 -2.54 18.58
N ALA A 249 -15.70 -3.22 18.65
CA ALA A 249 -15.76 -4.67 18.49
C ALA A 249 -15.06 -5.11 17.18
N PHE A 250 -15.27 -4.36 16.11
CA PHE A 250 -14.65 -4.67 14.82
C PHE A 250 -13.11 -4.58 14.91
N ILE A 251 -12.59 -3.45 15.41
CA ILE A 251 -11.15 -3.28 15.65
C ILE A 251 -10.56 -4.48 16.46
N GLN A 252 -11.31 -4.89 17.50
CA GLN A 252 -10.85 -5.95 18.38
C GLN A 252 -10.74 -7.29 17.64
N ALA A 253 -11.78 -7.62 16.85
CA ALA A 253 -11.84 -8.85 16.06
C ALA A 253 -10.75 -8.87 14.95
N GLN A 254 -10.59 -7.73 14.29
CA GLN A 254 -9.55 -7.55 13.28
C GLN A 254 -8.16 -7.68 13.87
N ARG A 255 -7.96 -7.10 15.05
CA ARG A 255 -6.65 -7.15 15.70
C ARG A 255 -6.28 -8.60 15.97
N ALA A 256 -7.23 -9.37 16.48
CA ALA A 256 -6.97 -10.76 16.82
C ALA A 256 -6.71 -11.54 15.53
N LYS A 257 -7.43 -11.16 14.47
CA LYS A 257 -7.35 -11.86 13.20
C LYS A 257 -5.94 -11.70 12.62
N TYR A 258 -5.46 -10.47 12.60
CA TYR A 258 -4.14 -10.19 12.09
C TYR A 258 -3.02 -10.86 12.92
N ALA A 259 -3.16 -10.84 14.25
CA ALA A 259 -2.18 -11.46 15.13
C ALA A 259 -2.11 -12.96 14.93
N ALA A 260 -3.23 -13.60 14.62
CA ALA A 260 -3.21 -15.05 14.40
C ALA A 260 -2.55 -15.38 13.08
N ALA A 261 -2.72 -14.50 12.09
CA ALA A 261 -2.03 -14.64 10.81
C ALA A 261 -0.53 -14.55 11.03
N VAL A 262 -0.09 -13.50 11.76
CA VAL A 262 1.33 -13.27 12.01
C VAL A 262 1.89 -14.47 12.79
N LYS A 263 1.08 -14.98 13.69
CA LYS A 263 1.44 -16.19 14.45
C LYS A 263 1.75 -17.42 13.57
N THR A 264 1.02 -17.61 12.47
CA THR A 264 1.29 -18.79 11.60
C THR A 264 2.33 -18.51 10.49
N GLY A 265 2.86 -17.29 10.49
CA GLY A 265 3.81 -16.86 9.49
C GLY A 265 3.15 -16.08 8.37
N ASP A 266 1.83 -15.94 8.42
CA ASP A 266 1.09 -15.36 7.29
C ASP A 266 1.14 -13.83 7.41
N PRO A 267 1.19 -13.13 6.26
CA PRO A 267 1.11 -11.68 6.32
C PRO A 267 -0.24 -11.19 6.92
N SER A 268 -0.23 -10.09 7.67
CA SER A 268 -1.49 -9.45 8.07
C SER A 268 -2.20 -8.83 6.84
N VAL A 269 -1.44 -8.54 5.80
CA VAL A 269 -1.95 -7.78 4.66
C VAL A 269 -2.49 -8.71 3.55
N PRO A 270 -3.44 -8.23 2.69
CA PRO A 270 -4.02 -6.87 2.67
C PRO A 270 -5.30 -6.72 3.48
N SER A 271 -5.64 -5.50 3.93
CA SER A 271 -6.99 -5.15 4.40
C SER A 271 -7.66 -4.48 3.21
N SER A 272 -8.97 -4.32 3.23
CA SER A 272 -9.64 -3.58 2.16
C SER A 272 -9.75 -2.10 2.57
N LEU A 273 -10.01 -1.21 1.62
CA LEU A 273 -10.19 0.20 1.98
C LEU A 273 -11.44 0.42 2.86
N ALA A 274 -12.48 -0.36 2.60
CA ALA A 274 -13.68 -0.37 3.45
C ALA A 274 -13.29 -0.68 4.91
N GLU A 275 -12.45 -1.70 5.11
CA GLU A 275 -11.96 -2.00 6.45
C GLU A 275 -11.12 -0.87 7.06
N GLU A 276 -10.21 -0.32 6.27
CA GLU A 276 -9.32 0.74 6.78
C GLU A 276 -10.11 1.96 7.25
N LYS A 277 -11.22 2.23 6.56
CA LYS A 277 -12.07 3.37 6.89
C LYS A 277 -12.73 3.15 8.26
N ARG A 278 -12.69 1.93 8.78
CA ARG A 278 -13.20 1.68 10.14
C ARG A 278 -12.05 1.66 11.13
N GLN A 279 -10.97 0.94 10.79
CA GLN A 279 -9.92 0.64 11.79
C GLN A 279 -8.72 1.61 11.80
N ASN A 280 -8.58 2.45 10.78
CA ASN A 280 -7.40 3.30 10.64
C ASN A 280 -7.76 4.73 11.05
N LEU A 281 -7.38 5.08 12.28
CA LEU A 281 -7.82 6.36 12.83
C LEU A 281 -7.21 7.53 12.07
N PHE A 282 -6.03 7.29 11.51
CA PHE A 282 -5.28 8.32 10.76
C PHE A 282 -6.03 8.59 9.44
N LEU A 283 -6.42 7.53 8.76
CA LEU A 283 -7.24 7.67 7.54
C LEU A 283 -8.57 8.39 7.86
N ARG A 284 -9.15 8.06 9.03
CA ARG A 284 -10.45 8.63 9.41
C ARG A 284 -10.38 10.14 9.70
N VAL A 285 -9.17 10.69 9.77
CA VAL A 285 -9.05 12.19 9.83
C VAL A 285 -9.71 12.82 8.59
N ALA A 286 -9.85 12.06 7.49
CA ALA A 286 -10.48 12.59 6.28
C ALA A 286 -12.02 12.59 6.32
N ASP A 287 -12.57 12.07 7.42
CA ASP A 287 -14.01 12.15 7.69
C ASP A 287 -14.30 13.24 8.72
N PRO A 288 -14.94 14.35 8.30
CA PRO A 288 -15.21 15.47 9.20
C PRO A 288 -16.03 15.09 10.46
N ALA A 289 -16.86 14.04 10.38
CA ALA A 289 -17.62 13.62 11.56
C ALA A 289 -16.70 12.96 12.58
N PHE A 290 -15.71 12.23 12.09
CA PHE A 290 -14.76 11.61 12.97
C PHE A 290 -13.87 12.69 13.64
N VAL A 291 -13.42 13.67 12.86
CA VAL A 291 -12.69 14.82 13.44
C VAL A 291 -13.47 15.48 14.56
N ALA A 292 -14.76 15.73 14.32
CA ALA A 292 -15.61 16.32 15.32
C ALA A 292 -15.78 15.40 16.54
N LYS A 293 -15.94 14.10 16.31
CA LYS A 293 -16.07 13.14 17.43
C LYS A 293 -14.82 13.03 18.34
N MET A 294 -13.62 13.04 17.73
CA MET A 294 -12.37 12.98 18.48
C MET A 294 -12.22 14.22 19.37
N ASN A 295 -12.69 15.37 18.88
CA ASN A 295 -12.68 16.62 19.67
C ASN A 295 -11.27 17.00 20.13
N GLN A 296 -10.31 16.90 19.21
CA GLN A 296 -8.92 17.19 19.52
C GLN A 296 -8.46 18.30 18.58
N GLY A 297 -9.36 19.20 18.23
CA GLY A 297 -9.04 20.32 17.33
C GLY A 297 -9.49 20.01 15.90
N ASN A 298 -9.03 20.81 14.95
CA ASN A 298 -9.35 20.52 13.54
C ASN A 298 -8.52 19.34 13.01
N ALA A 299 -8.73 18.94 11.75
CA ALA A 299 -8.04 17.75 11.20
C ALA A 299 -6.51 17.80 11.39
N HIS A 300 -5.90 18.96 11.17
CA HIS A 300 -4.45 19.08 11.35
C HIS A 300 -4.06 18.83 12.81
N ALA A 301 -4.80 19.45 13.75
CA ALA A 301 -4.54 19.25 15.16
C ALA A 301 -4.72 17.78 15.52
N LEU A 302 -5.76 17.14 14.96
CA LEU A 302 -6.05 15.77 15.31
C LEU A 302 -4.97 14.84 14.76
N MET A 303 -4.52 15.11 13.54
CA MET A 303 -3.47 14.29 12.96
C MET A 303 -2.24 14.33 13.89
N MET A 304 -1.90 15.53 14.38
CA MET A 304 -0.73 15.70 15.25
C MET A 304 -0.93 15.02 16.60
N TYR A 305 -2.13 15.16 17.16
CA TYR A 305 -2.51 14.40 18.34
C TYR A 305 -2.32 12.88 18.15
N LEU A 306 -2.78 12.33 17.03
CA LEU A 306 -2.66 10.88 16.83
C LEU A 306 -1.21 10.46 16.59
N TYR A 307 -0.49 11.28 15.84
CA TYR A 307 0.92 11.02 15.50
C TYR A 307 1.73 11.01 16.78
N ASN A 308 1.45 11.94 17.66
CA ASN A 308 2.22 12.06 18.89
C ASN A 308 1.81 11.02 19.95
N ALA A 309 0.61 10.44 19.79
CA ALA A 309 0.14 9.42 20.74
C ALA A 309 0.64 8.03 20.34
#